data_2KMJ
#
_entry.id   2KMJ
#
loop_
_entity.id
_entity.type
_entity.pdbx_description
1 polymer 'RNA (28-MER)'
2 polymer Pyrimidinylpeptide
#
loop_
_entity_poly.entity_id
_entity_poly.type
_entity_poly.pdbx_seq_one_letter_code
_entity_poly.pdbx_strand_id
1 'polyribonucleotide' GGCCAGAUUGAGCUUCGGCUCUCUGGUC A
2 'polypeptide(D)' (DAR)(ZUK)(DAR)(NH2) B,C
#